data_5X4L
#
_entry.id   5X4L
#
_cell.length_a   63.046
_cell.length_b   84.822
_cell.length_c   109.230
_cell.angle_alpha   90.00
_cell.angle_beta   90.00
_cell.angle_gamma   90.00
#
_symmetry.space_group_name_H-M   'P 21 21 21'
#
loop_
_entity.id
_entity.type
_entity.pdbx_description
1 polymer 'Transitional endoplasmic reticulum ATPase'
2 polymer 'UBX domain-containing protein 7'
3 water water
#
loop_
_entity_poly.entity_id
_entity_poly.type
_entity_poly.pdbx_seq_one_letter_code
_entity_poly.pdbx_strand_id
1 'polypeptide(L)'
;GGSPNRLIVDEAINEDNSVVSLSQPK(MSE)DELQLFRGDTVLLKGKKRREAVCIVLSDDTCSDEKIR(MSE)NRVVRNN
LRVRLGDVISIQPCPDVKYGKRIHVLPIDDTVEGITGNLFEVYLKPYFLEAYRPIRKGDIFLVRGG(MSE)RAVEFKVVE
TDPSPYCIVAPDTVIHCEGEPIKREDEEE
;
A,B
2 'polypeptide(L)'
;GGSGPKAQL(MSE)LRYPDGKREQITLPEQAKLLALVKHVQSKGYPNERFELLTNFPRRKLSHLDYDIT(MSE)QEAGLC
PQETVFVQERN
;
C,D
#
# COMPACT_ATOMS: atom_id res chain seq x y z
N SER A 3 21.41 3.79 0.24
CA SER A 3 20.95 3.09 1.43
C SER A 3 19.42 2.98 1.45
N PRO A 4 18.86 2.08 0.64
CA PRO A 4 17.41 2.02 0.40
C PRO A 4 16.60 1.63 1.64
N ASN A 5 17.25 1.02 2.61
CA ASN A 5 16.52 0.50 3.76
C ASN A 5 16.79 1.31 5.03
N ARG A 6 17.39 2.48 4.88
CA ARG A 6 17.43 3.44 5.98
C ARG A 6 16.32 4.44 5.68
N LEU A 7 15.49 4.71 6.69
CA LEU A 7 14.25 5.44 6.47
C LEU A 7 13.97 6.46 7.55
N ILE A 8 13.33 7.56 7.17
CA ILE A 8 12.95 8.62 8.10
C ILE A 8 11.70 8.27 8.89
N VAL A 9 11.83 8.24 10.22
CA VAL A 9 10.71 7.94 11.11
C VAL A 9 9.63 9.00 10.99
N ASP A 10 8.39 8.56 10.79
CA ASP A 10 7.23 9.45 10.65
C ASP A 10 6.10 8.95 11.54
N GLU A 11 5.14 9.81 11.81
CA GLU A 11 4.06 9.50 12.73
C GLU A 11 3.15 8.41 12.17
N ALA A 12 2.48 7.68 13.05
CA ALA A 12 1.50 6.71 12.64
C ALA A 12 0.17 7.35 12.31
N ILE A 13 -0.51 6.78 11.32
CA ILE A 13 -1.95 6.86 11.18
C ILE A 13 -2.45 5.42 11.41
N ASN A 14 -3.63 5.25 11.96
CA ASN A 14 -4.11 3.92 12.33
C ASN A 14 -3.07 3.19 13.17
N GLU A 15 -2.89 3.71 14.39
CA GLU A 15 -1.82 3.38 15.31
C GLU A 15 -1.97 1.96 15.87
N ASP A 16 -0.86 1.22 15.94
CA ASP A 16 -0.82 -0.08 16.64
C ASP A 16 0.61 -0.43 16.98
N ASN A 17 0.83 -0.97 18.19
CA ASN A 17 2.19 -1.26 18.67
C ASN A 17 2.98 -2.24 17.79
N SER A 18 2.30 -3.06 17.01
CA SER A 18 3.02 -4.12 16.28
C SER A 18 3.25 -3.78 14.82
N VAL A 19 2.68 -2.67 14.36
CA VAL A 19 2.69 -2.35 12.93
C VAL A 19 3.55 -1.13 12.57
N VAL A 20 4.35 -1.28 11.52
CA VAL A 20 4.90 -0.13 10.80
C VAL A 20 4.42 -0.16 9.34
N SER A 21 4.42 1.02 8.71
CA SER A 21 3.90 1.18 7.35
C SER A 21 4.93 1.77 6.41
N LEU A 22 4.97 1.19 5.21
CA LEU A 22 5.77 1.70 4.11
C LEU A 22 4.88 1.97 2.93
N SER A 23 5.33 2.87 2.05
CA SER A 23 4.78 2.95 0.70
C SER A 23 4.94 1.61 0.03
N GLN A 24 4.04 1.29 -0.89
CA GLN A 24 4.17 0.05 -1.68
C GLN A 24 5.46 0.02 -2.52
N PRO A 25 5.86 1.15 -3.15
CA PRO A 25 7.13 1.04 -3.89
C PRO A 25 8.33 0.66 -3.03
N LYS A 26 8.47 1.26 -1.85
CA LYS A 26 9.57 0.91 -0.96
C LYS A 26 9.48 -0.55 -0.52
N ASP A 28 8.22 -2.91 -2.52
CA ASP A 28 8.75 -3.63 -3.67
C ASP A 28 10.26 -3.51 -3.72
N GLU A 29 10.76 -2.31 -3.45
CA GLU A 29 12.20 -2.05 -3.47
C GLU A 29 12.95 -2.98 -2.53
N LEU A 30 12.31 -3.35 -1.42
CA LEU A 30 12.97 -4.16 -0.40
C LEU A 30 12.45 -5.59 -0.39
N GLN A 31 11.60 -5.93 -1.34
CA GLN A 31 10.88 -7.21 -1.41
C GLN A 31 10.28 -7.60 -0.06
N LEU A 32 9.37 -6.76 0.41
CA LEU A 32 8.61 -7.04 1.62
C LEU A 32 7.16 -7.32 1.21
N PHE A 33 6.54 -8.31 1.84
CA PHE A 33 5.15 -8.62 1.53
C PHE A 33 4.26 -8.25 2.70
N ARG A 34 2.97 -8.18 2.41
CA ARG A 34 1.96 -7.85 3.40
C ARG A 34 1.99 -8.80 4.58
N GLY A 35 2.20 -8.25 5.78
CA GLY A 35 2.21 -9.03 6.99
C GLY A 35 3.55 -9.67 7.31
N ASP A 36 4.56 -9.42 6.49
CA ASP A 36 5.89 -9.91 6.81
C ASP A 36 6.34 -9.34 8.15
N THR A 37 7.10 -10.11 8.90
CA THR A 37 7.81 -9.60 10.06
C THR A 37 9.09 -8.93 9.61
N VAL A 38 9.44 -7.81 10.24
CA VAL A 38 10.65 -7.09 9.88
C VAL A 38 11.38 -6.69 11.15
N LEU A 39 12.69 -6.49 11.02
CA LEU A 39 13.53 -6.12 12.14
C LEU A 39 14.02 -4.69 11.95
N LEU A 40 13.82 -3.86 12.97
CA LEU A 40 14.13 -2.44 12.90
C LEU A 40 15.22 -2.08 13.89
N LYS A 41 16.18 -1.27 13.44
CA LYS A 41 17.28 -0.83 14.28
C LYS A 41 17.27 0.66 14.48
N GLY A 42 17.33 1.07 15.75
CA GLY A 42 17.32 2.48 16.11
C GLY A 42 18.60 2.88 16.81
N LYS A 43 18.48 3.80 17.77
CA LYS A 43 19.65 4.34 18.47
C LYS A 43 20.00 3.50 19.69
N LYS A 44 21.23 3.65 20.17
CA LYS A 44 21.72 2.93 21.34
C LYS A 44 21.57 1.42 21.22
N ARG A 45 21.91 0.89 20.05
CA ARG A 45 21.79 -0.54 19.69
C ARG A 45 20.42 -1.15 19.98
N ARG A 46 19.39 -0.32 20.10
CA ARG A 46 18.02 -0.80 20.28
C ARG A 46 17.47 -1.35 18.97
N GLU A 47 16.75 -2.47 19.07
CA GLU A 47 16.06 -3.07 17.93
C GLU A 47 14.58 -3.29 18.21
N ALA A 48 13.81 -3.53 17.15
CA ALA A 48 12.40 -3.90 17.31
C ALA A 48 11.96 -4.78 16.16
N VAL A 49 11.02 -5.67 16.46
CA VAL A 49 10.41 -6.52 15.45
C VAL A 49 8.95 -6.14 15.24
N CYS A 50 8.56 -5.91 13.99
CA CYS A 50 7.19 -5.48 13.66
C CYS A 50 6.62 -6.16 12.43
N ILE A 51 5.35 -5.89 12.21
CA ILE A 51 4.61 -6.30 11.01
C ILE A 51 4.62 -5.11 10.07
N VAL A 52 4.89 -5.35 8.79
CA VAL A 52 4.93 -4.25 7.84
C VAL A 52 3.69 -4.31 6.96
N LEU A 53 3.04 -3.17 6.76
CA LEU A 53 1.87 -3.08 5.91
C LEU A 53 2.07 -1.92 4.96
N SER A 54 1.41 -1.95 3.80
CA SER A 54 1.59 -0.87 2.84
C SER A 54 0.69 0.29 3.15
N ASP A 55 1.13 1.47 2.72
CA ASP A 55 0.50 2.71 3.06
C ASP A 55 0.61 3.74 1.90
N ASP A 56 -0.47 3.95 1.16
CA ASP A 56 -0.48 4.86 -0.02
C ASP A 56 -0.32 6.30 0.41
N THR A 57 -0.13 6.48 1.70
CA THR A 57 -0.15 7.75 2.38
C THR A 57 1.27 8.11 2.82
N CYS A 58 2.16 7.14 2.70
CA CYS A 58 3.50 7.25 3.25
C CYS A 58 4.52 7.55 2.13
N SER A 59 5.37 8.55 2.37
CA SER A 59 6.41 8.90 1.39
C SER A 59 7.37 7.75 1.29
N ASP A 60 7.88 7.51 0.10
CA ASP A 60 8.79 6.40 -0.17
C ASP A 60 9.91 6.28 0.87
N GLU A 61 10.55 7.41 1.18
CA GLU A 61 11.75 7.39 2.00
C GLU A 61 11.43 7.46 3.49
N LYS A 62 10.14 7.37 3.84
CA LYS A 62 9.71 7.41 5.24
C LYS A 62 9.10 6.10 5.77
N ILE A 63 9.04 5.98 7.10
CA ILE A 63 8.35 4.86 7.74
C ILE A 63 7.45 5.34 8.87
N ARG A 64 6.19 4.92 8.85
CA ARG A 64 5.27 5.29 9.91
C ARG A 64 5.39 4.33 11.09
N ASN A 66 4.34 4.22 15.64
CA ASN A 66 3.69 4.92 16.74
C ASN A 66 4.66 5.19 17.89
N ARG A 67 4.15 5.82 18.93
CA ARG A 67 4.98 6.25 20.03
C ARG A 67 5.65 5.07 20.70
N VAL A 68 4.92 3.97 20.85
CA VAL A 68 5.47 2.79 21.54
C VAL A 68 6.73 2.28 20.85
N VAL A 69 6.65 2.12 19.54
CA VAL A 69 7.76 1.59 18.76
C VAL A 69 8.92 2.60 18.71
N ARG A 70 8.59 3.89 18.59
CA ARG A 70 9.65 4.90 18.53
C ARG A 70 10.44 4.85 19.83
N ASN A 71 9.73 4.81 20.95
CA ASN A 71 10.39 4.71 22.25
C ASN A 71 11.26 3.46 22.37
N ASN A 72 10.73 2.31 21.94
CA ASN A 72 11.49 1.07 22.00
C ASN A 72 12.75 1.19 21.15
N LEU A 73 12.74 2.10 20.17
CA LEU A 73 13.91 2.26 19.32
C LEU A 73 14.75 3.45 19.75
N ARG A 74 14.29 4.14 20.80
CA ARG A 74 14.90 5.39 21.27
C ARG A 74 15.03 6.43 20.17
N VAL A 75 14.02 6.56 19.33
CA VAL A 75 14.10 7.52 18.23
C VAL A 75 12.95 8.49 18.27
N ARG A 76 13.13 9.64 17.61
CA ARG A 76 12.07 10.63 17.53
C ARG A 76 11.65 10.82 16.10
N LEU A 77 10.53 11.51 15.89
CA LEU A 77 10.11 11.86 14.55
C LEU A 77 11.27 12.58 13.85
N GLY A 78 11.49 12.24 12.59
CA GLY A 78 12.61 12.79 11.89
C GLY A 78 13.91 12.01 12.02
N ASP A 79 14.06 11.15 13.03
CA ASP A 79 15.29 10.34 13.09
C ASP A 79 15.29 9.29 11.99
N VAL A 80 16.45 8.66 11.80
CA VAL A 80 16.61 7.61 10.80
C VAL A 80 16.78 6.23 11.45
N ILE A 81 16.10 5.23 10.90
CA ILE A 81 16.24 3.86 11.32
C ILE A 81 16.58 3.02 10.10
N SER A 82 16.91 1.75 10.31
CA SER A 82 17.03 0.83 9.20
C SER A 82 16.02 -0.31 9.36
N ILE A 83 15.60 -0.87 8.24
CA ILE A 83 14.64 -1.98 8.25
C ILE A 83 15.20 -3.12 7.40
N GLN A 84 14.95 -4.35 7.82
CA GLN A 84 15.34 -5.50 7.04
C GLN A 84 14.28 -6.59 7.16
N PRO A 85 14.21 -7.48 6.17
CA PRO A 85 13.31 -8.64 6.28
C PRO A 85 13.69 -9.49 7.48
N CYS A 86 12.70 -10.07 8.14
CA CYS A 86 12.96 -10.89 9.32
C CYS A 86 12.03 -12.12 9.34
N PRO A 87 12.23 -13.05 8.38
CA PRO A 87 11.28 -14.14 8.21
C PRO A 87 11.45 -15.30 9.21
N ASP A 88 12.55 -15.35 9.95
CA ASP A 88 12.81 -16.52 10.77
C ASP A 88 12.45 -16.38 12.24
N VAL A 89 11.69 -15.34 12.60
CA VAL A 89 11.18 -15.21 13.97
C VAL A 89 10.23 -16.39 14.31
N LYS A 90 10.46 -17.01 15.45
CA LYS A 90 9.70 -18.19 15.84
C LYS A 90 8.48 -17.84 16.68
N TYR A 91 7.52 -18.75 16.72
CA TYR A 91 6.47 -18.75 17.71
C TYR A 91 7.07 -18.88 19.11
N GLY A 92 6.57 -18.10 20.05
CA GLY A 92 7.13 -18.13 21.38
C GLY A 92 6.65 -19.34 22.15
N LYS A 93 7.57 -19.93 22.90
CA LYS A 93 7.19 -20.93 23.89
C LYS A 93 6.57 -20.19 25.07
N ARG A 94 7.17 -19.07 25.43
CA ARG A 94 6.82 -18.42 26.67
C ARG A 94 7.36 -16.99 26.67
N ILE A 95 6.58 -16.02 27.16
CA ILE A 95 7.16 -14.71 27.41
C ILE A 95 6.91 -14.29 28.84
N HIS A 96 7.80 -13.45 29.37
CA HIS A 96 7.63 -12.86 30.69
C HIS A 96 7.47 -11.35 30.61
N VAL A 97 6.38 -10.81 31.12
CA VAL A 97 6.22 -9.36 31.13
C VAL A 97 5.92 -8.87 32.52
N LEU A 98 6.29 -7.63 32.79
CA LEU A 98 6.04 -7.04 34.09
C LEU A 98 5.52 -5.63 33.86
N PRO A 99 4.50 -5.22 34.64
CA PRO A 99 3.90 -3.89 34.50
C PRO A 99 4.80 -2.81 35.07
N ILE A 100 4.78 -1.65 34.44
CA ILE A 100 5.51 -0.50 34.94
C ILE A 100 4.77 0.03 36.16
N ASP A 101 5.50 0.21 37.27
CA ASP A 101 4.91 0.57 38.56
C ASP A 101 3.99 1.80 38.53
N ASP A 102 4.42 2.86 37.86
CA ASP A 102 3.63 4.09 37.81
C ASP A 102 2.44 4.05 36.83
N THR A 103 2.08 2.89 36.30
CA THR A 103 0.88 2.83 35.45
C THR A 103 -0.16 1.93 36.10
N VAL A 104 0.22 1.24 37.17
CA VAL A 104 -0.70 0.36 37.88
C VAL A 104 -0.83 0.71 39.37
N GLU A 105 -0.55 1.97 39.71
CA GLU A 105 -0.56 2.39 41.11
C GLU A 105 -1.86 2.05 41.83
N GLY A 106 -2.99 2.36 41.19
CA GLY A 106 -4.26 2.02 41.79
C GLY A 106 -4.88 0.76 41.22
N ILE A 107 -4.22 0.16 40.25
CA ILE A 107 -4.81 -0.96 39.51
C ILE A 107 -5.22 -2.11 40.42
N THR A 108 -6.52 -2.38 40.41
CA THR A 108 -7.06 -3.60 40.97
C THR A 108 -7.48 -4.47 39.80
N GLY A 109 -7.24 -5.77 39.90
CA GLY A 109 -7.67 -6.66 38.84
C GLY A 109 -6.55 -7.50 38.26
N ASN A 110 -6.97 -8.49 37.47
CA ASN A 110 -6.04 -9.40 36.85
C ASN A 110 -5.52 -8.77 35.56
N LEU A 111 -4.22 -8.52 35.55
CA LEU A 111 -3.57 -7.85 34.42
C LEU A 111 -3.61 -8.70 33.16
N PHE A 112 -3.44 -10.01 33.30
CA PHE A 112 -3.52 -10.92 32.17
C PHE A 112 -4.92 -10.97 31.52
N GLU A 113 -5.97 -11.02 32.33
CA GLU A 113 -7.35 -11.13 31.83
C GLU A 113 -7.87 -9.83 31.26
N VAL A 114 -7.52 -8.72 31.90
CA VAL A 114 -8.03 -7.45 31.44
C VAL A 114 -7.15 -6.88 30.35
N TYR A 115 -5.85 -7.02 30.47
CA TYR A 115 -4.96 -6.36 29.51
C TYR A 115 -4.31 -7.32 28.51
N LEU A 116 -3.54 -8.28 29.01
CA LEU A 116 -2.66 -9.07 28.15
C LEU A 116 -3.41 -10.05 27.24
N LYS A 117 -4.41 -10.75 27.77
CA LYS A 117 -5.09 -11.77 26.97
C LYS A 117 -5.76 -11.15 25.75
N PRO A 118 -6.58 -10.09 25.94
CA PRO A 118 -7.12 -9.52 24.70
C PRO A 118 -6.06 -8.87 23.82
N TYR A 119 -5.02 -8.33 24.44
CA TYR A 119 -3.98 -7.67 23.66
C TYR A 119 -3.36 -8.62 22.66
N PHE A 120 -2.98 -9.80 23.14
CA PHE A 120 -2.24 -10.74 22.33
C PHE A 120 -3.17 -11.63 21.52
N LEU A 121 -4.46 -11.63 21.83
CA LEU A 121 -5.38 -12.62 21.28
C LEU A 121 -5.43 -12.65 19.76
N GLU A 122 -4.90 -13.74 19.21
CA GLU A 122 -4.95 -14.06 17.78
C GLU A 122 -4.32 -12.98 16.89
N ALA A 123 -3.52 -12.08 17.47
CA ALA A 123 -3.00 -10.97 16.69
C ALA A 123 -1.58 -11.25 16.23
N TYR A 124 -0.98 -12.30 16.78
CA TYR A 124 0.35 -12.74 16.36
C TYR A 124 1.30 -11.55 16.44
N ARG A 125 1.42 -10.99 17.63
CA ARG A 125 2.31 -9.86 17.83
C ARG A 125 3.73 -10.37 18.02
N PRO A 126 4.67 -9.76 17.28
CA PRO A 126 6.08 -9.97 17.54
C PRO A 126 6.48 -9.14 18.74
N ILE A 127 7.32 -9.68 19.59
CA ILE A 127 7.69 -8.96 20.79
C ILE A 127 9.17 -9.24 21.04
N ARG A 128 9.87 -8.28 21.65
CA ARG A 128 11.30 -8.46 21.89
C ARG A 128 11.65 -8.14 23.36
N LYS A 129 12.58 -8.91 23.91
CA LYS A 129 13.12 -8.62 25.24
C LYS A 129 13.46 -7.12 25.36
N GLY A 130 13.05 -6.48 26.45
CA GLY A 130 13.33 -5.05 26.63
C GLY A 130 12.23 -4.11 26.14
N ASP A 131 11.34 -4.60 25.29
CA ASP A 131 10.22 -3.79 24.82
C ASP A 131 9.35 -3.31 25.97
N ILE A 132 8.90 -2.08 25.85
CA ILE A 132 7.84 -1.56 26.68
C ILE A 132 6.62 -1.34 25.80
N PHE A 133 5.48 -1.87 26.20
CA PHE A 133 4.31 -1.62 25.38
C PHE A 133 3.11 -1.19 26.20
N LEU A 134 2.23 -0.43 25.56
CA LEU A 134 1.09 0.16 26.22
C LEU A 134 -0.12 -0.63 25.78
N VAL A 135 -0.90 -1.13 26.73
CA VAL A 135 -2.15 -1.83 26.46
C VAL A 135 -3.33 -1.06 27.03
N ARG A 136 -4.34 -0.80 26.23
CA ARG A 136 -5.55 -0.17 26.76
C ARG A 136 -6.51 -1.19 27.37
N GLY A 137 -7.44 -0.68 28.16
CA GLY A 137 -8.47 -1.51 28.75
C GLY A 137 -8.64 -1.15 30.20
N GLY A 138 -9.60 -1.80 30.84
CA GLY A 138 -9.89 -1.52 32.23
C GLY A 138 -10.22 -0.05 32.44
N ARG A 140 -7.85 2.27 33.12
CA ARG A 140 -6.74 3.07 32.56
C ARG A 140 -5.74 2.17 31.87
N ALA A 141 -5.03 2.71 30.90
CA ALA A 141 -4.05 1.96 30.13
C ALA A 141 -2.82 1.65 30.98
N VAL A 142 -2.23 0.48 30.77
CA VAL A 142 -1.09 -0.01 31.54
C VAL A 142 0.09 -0.27 30.59
N GLU A 143 1.29 0.01 31.05
CA GLU A 143 2.50 -0.35 30.31
C GLU A 143 3.13 -1.59 30.92
N PHE A 144 3.65 -2.47 30.05
CA PHE A 144 4.39 -3.66 30.45
C PHE A 144 5.76 -3.71 29.80
N LYS A 145 6.71 -4.31 30.50
CA LYS A 145 8.05 -4.50 29.97
C LYS A 145 8.29 -5.99 29.80
N VAL A 146 8.77 -6.36 28.63
CA VAL A 146 9.17 -7.71 28.34
C VAL A 146 10.54 -7.99 28.98
N VAL A 147 10.55 -8.85 29.99
CA VAL A 147 11.79 -9.13 30.70
C VAL A 147 12.48 -10.38 30.17
N GLU A 148 11.74 -11.23 29.47
CA GLU A 148 12.30 -12.46 28.92
C GLU A 148 11.39 -13.03 27.83
N THR A 149 11.99 -13.52 26.74
CA THR A 149 11.24 -14.34 25.78
C THR A 149 11.96 -15.65 25.51
N ASP A 150 11.19 -16.66 25.13
CA ASP A 150 11.74 -17.96 24.75
C ASP A 150 11.07 -18.44 23.44
N PRO A 151 11.81 -18.49 22.33
CA PRO A 151 13.24 -18.21 22.13
C PRO A 151 13.60 -16.75 22.42
N SER A 152 14.89 -16.53 22.61
CA SER A 152 15.40 -15.22 22.96
C SER A 152 16.18 -14.70 21.77
N PRO A 153 16.19 -13.37 21.53
CA PRO A 153 15.53 -12.33 22.34
C PRO A 153 14.20 -11.86 21.77
N TYR A 154 13.68 -12.53 20.76
CA TYR A 154 12.36 -12.18 20.29
C TYR A 154 11.56 -13.35 19.72
N CYS A 155 10.25 -13.17 19.65
CA CYS A 155 9.36 -14.20 19.15
C CYS A 155 8.01 -13.61 18.77
N ILE A 156 7.13 -14.48 18.26
CA ILE A 156 5.75 -14.15 17.94
C ILE A 156 4.92 -14.73 19.05
N VAL A 157 4.06 -13.91 19.65
CA VAL A 157 3.15 -14.44 20.68
C VAL A 157 1.95 -15.10 19.99
N ALA A 158 2.02 -16.44 19.92
CA ALA A 158 1.02 -17.30 19.33
C ALA A 158 -0.04 -17.78 20.35
N PRO A 159 -1.11 -18.42 19.87
CA PRO A 159 -2.14 -18.86 20.85
C PRO A 159 -1.60 -19.81 21.91
N ASP A 160 -0.55 -20.55 21.60
CA ASP A 160 0.05 -21.48 22.55
C ASP A 160 1.24 -20.90 23.33
N THR A 161 1.62 -19.68 23.02
CA THR A 161 2.71 -19.04 23.75
C THR A 161 2.27 -18.80 25.18
N VAL A 162 3.01 -19.35 26.15
CA VAL A 162 2.67 -19.11 27.54
C VAL A 162 3.05 -17.67 27.94
N ILE A 163 2.12 -16.96 28.55
CA ILE A 163 2.32 -15.57 28.92
C ILE A 163 2.35 -15.49 30.43
N HIS A 164 3.52 -15.15 30.95
CA HIS A 164 3.73 -15.06 32.38
C HIS A 164 3.73 -13.60 32.78
N CYS A 165 2.98 -13.30 33.82
CA CYS A 165 2.95 -11.95 34.34
C CYS A 165 3.25 -12.07 35.82
N GLU A 166 4.53 -11.97 36.14
CA GLU A 166 5.05 -12.40 37.44
C GLU A 166 4.54 -11.64 38.63
N GLY A 167 5.46 -10.98 39.30
CA GLY A 167 5.22 -10.38 40.60
C GLY A 167 5.27 -8.86 40.66
N GLU A 168 6.21 -8.33 41.44
CA GLU A 168 6.28 -6.88 41.69
C GLU A 168 6.45 -6.10 40.39
N PRO A 169 5.72 -4.99 40.26
CA PRO A 169 5.93 -4.04 39.16
C PRO A 169 7.33 -3.43 39.22
N ILE A 170 7.79 -2.90 38.09
CA ILE A 170 9.16 -2.42 38.00
C ILE A 170 9.14 -0.99 37.58
N LYS A 171 10.32 -0.37 37.57
CA LYS A 171 10.43 1.04 37.23
C LYS A 171 11.15 1.29 35.89
N ARG A 172 11.51 2.57 35.71
CA ARG A 172 12.36 3.17 34.67
C ARG A 172 11.75 4.51 34.34
N ASN B 5 -8.26 -3.67 -30.53
CA ASN B 5 -9.10 -2.73 -29.76
C ASN B 5 -9.73 -3.33 -28.52
N ARG B 6 -10.29 -4.53 -28.66
CA ARG B 6 -11.04 -5.07 -27.55
C ARG B 6 -10.17 -6.10 -26.85
N LEU B 7 -9.74 -5.76 -25.64
CA LEU B 7 -8.72 -6.53 -24.96
C LEU B 7 -9.27 -7.32 -23.79
N ILE B 8 -8.64 -8.46 -23.49
CA ILE B 8 -9.04 -9.31 -22.39
C ILE B 8 -8.40 -8.85 -21.09
N VAL B 9 -9.24 -8.64 -20.08
CA VAL B 9 -8.78 -8.20 -18.77
C VAL B 9 -7.89 -9.22 -18.05
N ASP B 10 -6.64 -8.83 -17.78
CA ASP B 10 -5.68 -9.68 -17.07
C ASP B 10 -5.31 -9.04 -15.74
N GLU B 11 -4.69 -9.81 -14.85
CA GLU B 11 -4.28 -9.27 -13.56
C GLU B 11 -3.16 -8.27 -13.77
N ALA B 12 -3.03 -7.32 -12.85
CA ALA B 12 -2.06 -6.23 -12.94
C ALA B 12 -0.74 -6.59 -12.29
N ILE B 13 0.35 -6.20 -12.95
CA ILE B 13 1.66 -6.23 -12.32
C ILE B 13 1.86 -4.96 -11.48
N ASN B 14 1.44 -3.82 -12.03
CA ASN B 14 1.43 -2.55 -11.30
C ASN B 14 0.12 -2.37 -10.54
N GLU B 15 0.22 -2.26 -9.22
CA GLU B 15 -0.96 -2.24 -8.35
C GLU B 15 -1.60 -0.87 -8.15
N ASP B 16 -1.21 0.11 -8.97
CA ASP B 16 -1.67 1.48 -8.79
C ASP B 16 -3.05 1.65 -9.41
N ASN B 17 -3.96 2.32 -8.69
CA ASN B 17 -5.35 2.46 -9.11
C ASN B 17 -5.53 3.12 -10.46
N SER B 18 -4.57 3.95 -10.85
CA SER B 18 -4.68 4.76 -12.06
C SER B 18 -4.12 4.11 -13.32
N VAL B 19 -3.40 3.01 -13.15
CA VAL B 19 -2.61 2.45 -14.23
C VAL B 19 -3.23 1.20 -14.88
N VAL B 20 -3.24 1.18 -16.21
CA VAL B 20 -3.44 -0.06 -16.98
C VAL B 20 -2.19 -0.28 -17.83
N SER B 21 -1.93 -1.54 -18.18
CA SER B 21 -0.73 -1.90 -18.94
C SER B 21 -1.04 -2.71 -20.20
N LEU B 22 -0.35 -2.37 -21.29
CA LEU B 22 -0.48 -3.06 -22.56
C LEU B 22 0.89 -3.46 -23.07
N SER B 23 0.91 -4.38 -24.02
CA SER B 23 2.11 -4.64 -24.79
C SER B 23 2.45 -3.40 -25.58
N GLN B 24 3.74 -3.16 -25.79
CA GLN B 24 4.17 -2.02 -26.61
C GLN B 24 3.64 -2.10 -28.06
N PRO B 25 3.66 -3.30 -28.69
CA PRO B 25 3.08 -3.28 -30.03
C PRO B 25 1.58 -2.96 -30.06
N LYS B 26 0.84 -3.36 -29.02
CA LYS B 26 -0.58 -2.97 -28.93
C LYS B 26 -0.74 -1.45 -28.84
N ASP B 28 1.37 0.77 -29.96
CA ASP B 28 1.72 1.30 -31.28
C ASP B 28 0.51 1.20 -32.21
N GLU B 29 -0.21 0.08 -32.12
CA GLU B 29 -1.35 -0.12 -32.99
C GLU B 29 -2.42 0.94 -32.73
N LEU B 30 -2.73 1.22 -31.47
CA LEU B 30 -3.70 2.27 -31.15
C LEU B 30 -3.07 3.62 -30.92
N GLN B 31 -1.81 3.77 -31.29
CA GLN B 31 -1.14 5.06 -31.21
C GLN B 31 -1.16 5.65 -29.80
N LEU B 32 -0.88 4.81 -28.81
CA LEU B 32 -0.80 5.27 -27.42
C LEU B 32 0.64 5.55 -27.02
N PHE B 33 0.87 6.67 -26.35
CA PHE B 33 2.18 6.96 -25.78
C PHE B 33 2.22 6.52 -24.34
N ARG B 34 3.40 6.12 -23.88
CA ARG B 34 3.59 5.82 -22.49
C ARG B 34 3.12 7.02 -21.66
N GLY B 35 2.23 6.79 -20.70
CA GLY B 35 1.72 7.87 -19.88
C GLY B 35 0.41 8.49 -20.37
N ASP B 36 -0.03 8.17 -21.59
CA ASP B 36 -1.29 8.71 -22.09
C ASP B 36 -2.48 8.29 -21.24
N THR B 37 -3.51 9.14 -21.27
CA THR B 37 -4.80 8.82 -20.64
C THR B 37 -5.64 8.04 -21.63
N VAL B 38 -6.25 6.97 -21.17
CA VAL B 38 -7.14 6.20 -22.05
C VAL B 38 -8.51 6.10 -21.42
N LEU B 39 -9.51 5.95 -22.29
CA LEU B 39 -10.87 5.77 -21.85
C LEU B 39 -11.25 4.32 -22.09
N LEU B 40 -11.65 3.64 -21.02
CA LEU B 40 -11.98 2.22 -21.10
C LEU B 40 -13.49 2.00 -20.91
N LYS B 41 -14.05 1.05 -21.66
CA LYS B 41 -15.47 0.71 -21.51
C LYS B 41 -15.67 -0.76 -21.06
N GLY B 42 -16.36 -0.92 -19.94
CA GLY B 42 -16.65 -2.23 -19.37
C GLY B 42 -18.13 -2.61 -19.47
N LYS B 43 -18.62 -3.33 -18.47
CA LYS B 43 -19.99 -3.82 -18.49
C LYS B 43 -20.97 -2.77 -17.95
N LYS B 44 -22.25 -2.93 -18.28
CA LYS B 44 -23.30 -2.04 -17.78
C LYS B 44 -22.99 -0.57 -18.04
N ARG B 45 -22.46 -0.28 -19.22
CA ARG B 45 -22.17 1.08 -19.67
C ARG B 45 -21.13 1.83 -18.81
N ARG B 46 -20.42 1.11 -17.96
CA ARG B 46 -19.44 1.75 -17.08
C ARG B 46 -18.20 2.22 -17.83
N GLU B 47 -17.69 3.39 -17.45
CA GLU B 47 -16.44 3.88 -18.01
C GLU B 47 -15.36 4.09 -16.93
N ALA B 48 -14.10 4.07 -17.36
CA ALA B 48 -12.99 4.44 -16.49
C ALA B 48 -11.94 5.17 -17.31
N VAL B 49 -11.27 6.14 -16.70
CA VAL B 49 -10.11 6.76 -17.35
C VAL B 49 -8.82 6.34 -16.63
N CYS B 50 -7.78 6.01 -17.39
CA CYS B 50 -6.57 5.48 -16.80
C CYS B 50 -5.31 5.95 -17.49
N ILE B 51 -4.18 5.77 -16.81
CA ILE B 51 -2.89 5.94 -17.44
C ILE B 51 -2.42 4.60 -18.01
N VAL B 52 -1.96 4.60 -19.26
CA VAL B 52 -1.52 3.37 -19.90
C VAL B 52 0.00 3.30 -19.85
N LEU B 53 0.51 2.17 -19.39
CA LEU B 53 1.94 1.93 -19.37
C LEU B 53 2.28 0.71 -20.23
N SER B 54 3.51 0.69 -20.76
CA SER B 54 3.99 -0.47 -21.49
C SER B 54 4.38 -1.57 -20.52
N ASP B 55 4.16 -2.82 -20.93
CA ASP B 55 4.58 -3.99 -20.15
C ASP B 55 4.92 -5.12 -21.12
N ASP B 56 6.22 -5.30 -21.39
CA ASP B 56 6.71 -6.31 -22.32
C ASP B 56 6.26 -7.73 -21.95
N THR B 57 5.78 -7.88 -20.72
CA THR B 57 5.27 -9.12 -20.18
C THR B 57 3.80 -9.35 -20.56
N CYS B 58 3.13 -8.30 -21.01
CA CYS B 58 1.70 -8.39 -21.32
C CYS B 58 1.46 -8.93 -22.74
N SER B 59 0.62 -9.96 -22.85
CA SER B 59 0.19 -10.49 -24.16
C SER B 59 -0.53 -9.42 -24.96
N ASP B 60 -0.35 -9.43 -26.29
CA ASP B 60 -0.89 -8.39 -27.16
C ASP B 60 -2.41 -8.23 -27.06
N GLU B 61 -3.11 -9.32 -26.83
CA GLU B 61 -4.56 -9.31 -26.85
C GLU B 61 -5.13 -9.05 -25.47
N LYS B 62 -4.27 -8.79 -24.50
CA LYS B 62 -4.70 -8.59 -23.11
C LYS B 62 -4.47 -7.17 -22.58
N ILE B 63 -5.16 -6.85 -21.50
CA ILE B 63 -4.95 -5.60 -20.79
C ILE B 63 -4.85 -5.93 -19.32
N ARG B 64 -3.81 -5.44 -18.67
CA ARG B 64 -3.66 -5.62 -17.24
C ARG B 64 -4.27 -4.44 -16.52
N ASN B 66 -5.72 -3.48 -12.22
CA ASN B 66 -5.95 -3.94 -10.86
C ASN B 66 -7.43 -4.08 -10.52
N ARG B 67 -7.70 -4.63 -9.35
CA ARG B 67 -9.05 -4.87 -8.86
C ARG B 67 -9.92 -3.60 -8.89
N VAL B 68 -9.37 -2.49 -8.40
CA VAL B 68 -10.11 -1.23 -8.36
C VAL B 68 -10.70 -0.84 -9.72
N VAL B 69 -9.87 -0.86 -10.76
CA VAL B 69 -10.35 -0.49 -12.09
C VAL B 69 -11.33 -1.56 -12.62
N ARG B 70 -11.11 -2.83 -12.29
CA ARG B 70 -12.06 -3.87 -12.71
C ARG B 70 -13.43 -3.61 -12.06
N ASN B 71 -13.40 -3.28 -10.79
CA ASN B 71 -14.62 -3.01 -10.07
C ASN B 71 -15.35 -1.82 -10.69
N ASN B 72 -14.64 -0.76 -11.04
CA ASN B 72 -15.28 0.40 -11.63
C ASN B 72 -15.86 0.11 -13.00
N LEU B 73 -15.38 -0.96 -13.63
CA LEU B 73 -15.83 -1.25 -14.98
C LEU B 73 -16.89 -2.34 -14.95
N ARG B 74 -17.12 -2.87 -13.75
CA ARG B 74 -18.02 -4.02 -13.56
C ARG B 74 -17.59 -5.21 -14.43
N VAL B 75 -16.30 -5.53 -14.40
CA VAL B 75 -15.79 -6.68 -15.14
C VAL B 75 -14.95 -7.57 -14.25
N ARG B 76 -14.78 -8.83 -14.67
CA ARG B 76 -13.86 -9.74 -14.00
C ARG B 76 -12.71 -10.13 -14.91
N LEU B 77 -11.68 -10.72 -14.31
CA LEU B 77 -10.60 -11.35 -15.05
C LEU B 77 -11.16 -12.22 -16.16
N GLY B 78 -10.74 -11.95 -17.39
CA GLY B 78 -11.18 -12.77 -18.51
C GLY B 78 -12.29 -12.15 -19.32
N ASP B 79 -12.96 -11.14 -18.79
CA ASP B 79 -13.94 -10.39 -19.58
C ASP B 79 -13.23 -9.53 -20.60
N VAL B 80 -13.98 -8.91 -21.52
CA VAL B 80 -13.36 -8.04 -22.52
C VAL B 80 -13.81 -6.59 -22.32
N ILE B 81 -12.96 -5.65 -22.71
CA ILE B 81 -13.28 -4.24 -22.60
C ILE B 81 -12.80 -3.55 -23.87
N SER B 82 -13.25 -2.33 -24.09
CA SER B 82 -12.69 -1.56 -25.19
C SER B 82 -11.84 -0.43 -24.65
N ILE B 83 -10.85 -0.02 -25.42
CA ILE B 83 -9.95 1.03 -25.00
C ILE B 83 -9.73 1.94 -26.19
N GLN B 84 -9.57 3.23 -25.90
CA GLN B 84 -9.37 4.24 -26.91
C GLN B 84 -8.58 5.37 -26.29
N PRO B 85 -7.86 6.12 -27.12
CA PRO B 85 -7.12 7.24 -26.53
C PRO B 85 -8.10 8.28 -26.00
N CYS B 86 -7.65 9.08 -25.05
CA CYS B 86 -8.47 10.12 -24.48
C CYS B 86 -7.62 11.37 -24.25
N PRO B 87 -7.11 11.97 -25.32
CA PRO B 87 -6.17 13.07 -25.13
C PRO B 87 -6.84 14.41 -24.77
N ASP B 88 -8.17 14.47 -24.87
CA ASP B 88 -8.89 15.72 -24.57
C ASP B 88 -9.28 15.89 -23.10
N VAL B 89 -8.87 14.97 -22.23
CA VAL B 89 -9.21 15.08 -20.83
C VAL B 89 -8.47 16.27 -20.24
N LYS B 90 -9.21 17.14 -19.54
CA LYS B 90 -8.64 18.39 -19.05
C LYS B 90 -8.16 18.27 -17.60
N TYR B 91 -7.27 19.19 -17.20
CA TYR B 91 -6.93 19.34 -15.80
C TYR B 91 -8.19 19.75 -15.04
N GLY B 92 -8.50 19.07 -13.94
CA GLY B 92 -9.71 19.40 -13.20
C GLY B 92 -9.69 20.74 -12.47
N LYS B 93 -10.83 21.39 -12.34
CA LYS B 93 -10.91 22.58 -11.48
C LYS B 93 -11.17 22.12 -10.05
N ARG B 94 -12.00 21.10 -9.93
CA ARG B 94 -12.51 20.66 -8.65
C ARG B 94 -13.05 19.24 -8.80
N ILE B 95 -12.75 18.36 -7.86
CA ILE B 95 -13.48 17.10 -7.79
C ILE B 95 -14.11 16.98 -6.41
N HIS B 96 -15.20 16.23 -6.33
CA HIS B 96 -15.87 15.92 -5.07
C HIS B 96 -15.85 14.43 -4.76
N VAL B 97 -15.33 14.05 -3.59
CA VAL B 97 -15.32 12.63 -3.21
C VAL B 97 -15.93 12.44 -1.84
N LEU B 98 -16.42 11.24 -1.58
CA LEU B 98 -17.04 10.92 -0.31
C LEU B 98 -16.59 9.53 0.12
N PRO B 99 -16.21 9.38 1.40
CA PRO B 99 -15.76 8.07 1.86
C PRO B 99 -16.91 7.08 1.90
N ILE B 100 -16.59 5.80 1.72
CA ILE B 100 -17.58 4.75 1.79
C ILE B 100 -17.70 4.26 3.23
N ASP B 101 -18.95 4.22 3.72
CA ASP B 101 -19.28 4.02 5.14
C ASP B 101 -18.63 2.80 5.80
N ASP B 102 -18.57 1.68 5.08
CA ASP B 102 -18.06 0.44 5.67
C ASP B 102 -16.54 0.39 5.74
N THR B 103 -15.88 1.42 5.23
CA THR B 103 -14.41 1.47 5.24
C THR B 103 -13.88 2.51 6.19
N VAL B 104 -14.75 3.35 6.73
CA VAL B 104 -14.24 4.49 7.47
C VAL B 104 -14.46 4.29 8.97
N GLU B 105 -14.66 3.04 9.36
CA GLU B 105 -14.95 2.66 10.75
C GLU B 105 -13.94 3.23 11.77
N GLY B 106 -12.74 2.70 11.79
CA GLY B 106 -11.78 3.11 12.80
C GLY B 106 -10.86 4.23 12.35
N ILE B 107 -11.29 4.97 11.33
CA ILE B 107 -10.46 6.02 10.75
C ILE B 107 -10.57 7.33 11.54
N THR B 108 -9.42 7.93 11.83
CA THR B 108 -9.34 9.22 12.52
C THR B 108 -8.65 10.30 11.68
N GLY B 109 -8.98 11.57 11.93
CA GLY B 109 -8.34 12.68 11.24
C GLY B 109 -9.10 13.22 10.02
N ASN B 110 -8.55 14.26 9.43
CA ASN B 110 -9.14 14.90 8.25
C ASN B 110 -8.82 14.06 7.01
N LEU B 111 -9.84 13.68 6.26
CA LEU B 111 -9.64 12.72 5.16
C LEU B 111 -8.81 13.33 4.04
N PHE B 112 -9.02 14.61 3.76
CA PHE B 112 -8.18 15.28 2.79
C PHE B 112 -6.71 15.29 3.18
N GLU B 113 -6.39 15.75 4.40
CA GLU B 113 -4.98 15.91 4.77
C GLU B 113 -4.29 14.56 4.87
N VAL B 114 -4.96 13.61 5.54
CA VAL B 114 -4.36 12.31 5.81
C VAL B 114 -4.32 11.39 4.59
N TYR B 115 -5.40 11.34 3.80
CA TYR B 115 -5.45 10.35 2.72
C TYR B 115 -5.38 10.91 1.29
N LEU B 116 -6.28 11.83 0.99
CA LEU B 116 -6.45 12.29 -0.39
C LEU B 116 -5.24 13.09 -0.90
N LYS B 117 -4.75 14.00 -0.08
CA LYS B 117 -3.68 14.86 -0.52
C LYS B 117 -2.46 14.03 -0.95
N PRO B 118 -1.91 13.17 -0.06
CA PRO B 118 -0.73 12.44 -0.57
C PRO B 118 -1.06 11.48 -1.68
N TYR B 119 -2.28 10.94 -1.67
CA TYR B 119 -2.70 10.05 -2.74
C TYR B 119 -2.67 10.75 -4.10
N PHE B 120 -3.15 11.98 -4.17
CA PHE B 120 -3.17 12.68 -5.45
C PHE B 120 -1.90 13.48 -5.75
N LEU B 121 -1.09 13.76 -4.73
CA LEU B 121 0.06 14.65 -4.89
C LEU B 121 0.92 14.36 -6.13
N GLU B 122 0.88 15.28 -7.10
CA GLU B 122 1.72 15.23 -8.30
C GLU B 122 1.62 13.93 -9.08
N ALA B 123 0.49 13.24 -8.95
CA ALA B 123 0.34 11.95 -9.58
C ALA B 123 -0.36 12.11 -10.92
N TYR B 124 -1.00 13.27 -11.11
CA TYR B 124 -1.82 13.53 -12.32
C TYR B 124 -2.77 12.37 -12.61
N ARG B 125 -3.57 12.01 -11.60
CA ARG B 125 -4.50 10.90 -11.77
C ARG B 125 -5.71 11.32 -12.56
N PRO B 126 -6.01 10.59 -13.65
CA PRO B 126 -7.31 10.75 -14.28
C PRO B 126 -8.36 10.17 -13.35
N ILE B 127 -9.56 10.73 -13.39
CA ILE B 127 -10.58 10.48 -12.40
C ILE B 127 -11.92 10.60 -13.09
N ARG B 128 -12.86 9.70 -12.81
CA ARG B 128 -14.17 9.81 -13.43
C ARG B 128 -15.30 9.76 -12.42
N LYS B 129 -16.30 10.61 -12.62
CA LYS B 129 -17.52 10.58 -11.80
C LYS B 129 -18.03 9.14 -11.67
N GLY B 130 -18.24 8.69 -10.44
CA GLY B 130 -18.69 7.34 -10.15
C GLY B 130 -17.60 6.32 -9.83
N ASP B 131 -16.34 6.68 -10.09
CA ASP B 131 -15.17 5.91 -9.67
C ASP B 131 -15.22 5.64 -8.19
N ILE B 132 -14.91 4.41 -7.81
CA ILE B 132 -14.54 4.14 -6.43
C ILE B 132 -13.05 3.84 -6.40
N PHE B 133 -12.31 4.52 -5.54
CA PHE B 133 -10.90 4.19 -5.44
C PHE B 133 -10.49 3.93 -3.99
N LEU B 134 -9.46 3.14 -3.83
CA LEU B 134 -8.98 2.73 -2.52
C LEU B 134 -7.72 3.49 -2.15
N VAL B 135 -7.62 3.94 -0.91
CA VAL B 135 -6.38 4.50 -0.40
C VAL B 135 -5.93 3.73 0.84
N ARG B 136 -4.82 3.01 0.72
CA ARG B 136 -4.32 2.19 1.83
C ARG B 136 -3.64 3.06 2.86
N GLY B 137 -3.88 2.76 4.14
CA GLY B 137 -3.26 3.51 5.22
C GLY B 137 -2.73 2.60 6.33
N GLY B 138 -1.93 1.59 5.96
CA GLY B 138 -1.42 0.64 6.92
C GLY B 138 -2.44 -0.42 7.34
N ARG B 140 -5.54 0.02 8.22
CA ARG B 140 -6.84 0.40 7.69
C ARG B 140 -6.66 0.97 6.29
N ALA B 141 -7.76 1.01 5.55
CA ALA B 141 -7.80 1.48 4.17
C ALA B 141 -9.18 2.10 3.94
N VAL B 142 -9.21 3.30 3.38
CA VAL B 142 -10.50 3.93 3.13
C VAL B 142 -10.82 3.97 1.63
N GLU B 143 -12.08 3.77 1.28
CA GLU B 143 -12.48 3.85 -0.11
C GLU B 143 -13.24 5.16 -0.33
N PHE B 144 -13.07 5.75 -1.49
CA PHE B 144 -13.81 6.96 -1.78
C PHE B 144 -14.54 6.81 -3.08
N LYS B 145 -15.72 7.43 -3.14
CA LYS B 145 -16.47 7.50 -4.37
C LYS B 145 -16.41 8.94 -4.90
N VAL B 146 -16.09 9.08 -6.18
CA VAL B 146 -16.13 10.38 -6.85
C VAL B 146 -17.57 10.75 -7.20
N VAL B 147 -18.10 11.85 -6.68
CA VAL B 147 -19.49 12.14 -6.95
C VAL B 147 -19.70 13.30 -7.92
N GLU B 148 -18.63 14.03 -8.20
CA GLU B 148 -18.70 15.12 -9.19
C GLU B 148 -17.30 15.56 -9.56
N THR B 149 -17.10 15.85 -10.84
CA THR B 149 -15.86 16.46 -11.28
C THR B 149 -16.21 17.65 -12.15
N ASP B 150 -15.31 18.60 -12.19
CA ASP B 150 -15.43 19.80 -13.00
C ASP B 150 -14.10 19.98 -13.71
N PRO B 151 -14.06 19.81 -15.03
CA PRO B 151 -15.15 19.44 -15.96
C PRO B 151 -15.75 18.06 -15.69
N SER B 152 -17.00 17.89 -16.11
CA SER B 152 -17.68 16.61 -15.93
C SER B 152 -17.71 15.84 -17.26
N PRO B 153 -17.62 14.49 -17.22
CA PRO B 153 -17.58 13.59 -16.06
C PRO B 153 -16.19 13.05 -15.75
N TYR B 154 -15.15 13.60 -16.35
CA TYR B 154 -13.80 13.16 -16.01
C TYR B 154 -12.75 14.25 -16.23
N CYS B 155 -11.67 14.15 -15.46
CA CYS B 155 -10.62 15.15 -15.52
C CYS B 155 -9.35 14.58 -14.91
N ILE B 156 -8.26 15.30 -15.13
CA ILE B 156 -7.01 14.99 -14.46
C ILE B 156 -7.00 15.78 -13.15
N VAL B 157 -6.62 15.12 -12.06
CA VAL B 157 -6.42 15.84 -10.82
C VAL B 157 -5.01 16.42 -10.79
N ALA B 158 -4.90 17.70 -11.14
CA ALA B 158 -3.62 18.40 -11.30
C ALA B 158 -3.29 19.15 -10.02
N PRO B 159 -2.07 19.70 -9.91
CA PRO B 159 -1.79 20.29 -8.59
C PRO B 159 -2.65 21.49 -8.19
N ASP B 160 -3.35 22.14 -9.11
CA ASP B 160 -4.28 23.21 -8.70
C ASP B 160 -5.72 22.73 -8.63
N THR B 161 -5.95 21.45 -8.91
CA THR B 161 -7.30 20.93 -8.82
C THR B 161 -7.76 20.95 -7.35
N VAL B 162 -8.90 21.57 -7.07
CA VAL B 162 -9.42 21.57 -5.70
C VAL B 162 -10.06 20.21 -5.34
N ILE B 163 -9.62 19.61 -4.24
CA ILE B 163 -10.11 18.30 -3.81
C ILE B 163 -11.07 18.46 -2.65
N HIS B 164 -12.36 18.27 -2.91
CA HIS B 164 -13.35 18.46 -1.87
C HIS B 164 -13.80 17.12 -1.29
N CYS B 165 -13.80 17.04 0.04
CA CYS B 165 -14.24 15.84 0.75
C CYS B 165 -14.92 16.25 2.04
N GLU B 166 -16.20 16.57 1.93
CA GLU B 166 -16.90 17.05 3.10
C GLU B 166 -18.28 16.41 3.14
N GLY B 167 -18.76 16.15 4.35
CA GLY B 167 -20.07 15.55 4.50
C GLY B 167 -20.05 14.09 4.93
N GLU B 168 -21.23 13.50 4.95
CA GLU B 168 -21.43 12.17 5.48
C GLU B 168 -20.99 11.07 4.52
N PRO B 169 -20.32 10.03 5.07
CA PRO B 169 -19.98 8.82 4.30
C PRO B 169 -21.21 8.23 3.60
N ILE B 170 -20.99 7.53 2.50
CA ILE B 170 -22.10 6.95 1.76
C ILE B 170 -21.89 5.45 1.57
N LYS B 171 -22.88 4.79 0.96
CA LYS B 171 -22.85 3.36 0.66
C LYS B 171 -22.53 3.13 -0.81
N ARG B 172 -22.23 1.87 -1.15
CA ARG B 172 -22.09 1.36 -2.53
C ARG B 172 -21.66 2.40 -3.56
N PRO C 5 -3.35 -15.99 -13.67
CA PRO C 5 -2.94 -15.12 -12.56
C PRO C 5 -3.01 -15.86 -11.23
N LYS C 6 -2.05 -15.57 -10.36
CA LYS C 6 -1.83 -16.37 -9.16
C LYS C 6 -1.79 -15.53 -7.90
N ALA C 7 -2.39 -16.03 -6.83
CA ALA C 7 -2.28 -15.38 -5.53
C ALA C 7 -1.09 -15.96 -4.76
N GLN C 8 -0.34 -15.08 -4.10
CA GLN C 8 0.75 -15.58 -3.28
C GLN C 8 0.38 -15.55 -1.81
N LEU C 9 0.45 -16.74 -1.20
CA LEU C 9 0.02 -16.92 0.19
C LEU C 9 1.18 -17.29 1.10
N LEU C 11 1.65 -18.84 4.42
CA LEU C 11 0.95 -19.61 5.44
C LEU C 11 1.80 -19.77 6.67
N ARG C 12 1.19 -19.52 7.84
CA ARG C 12 1.85 -19.75 9.12
C ARG C 12 1.08 -20.83 9.89
N TYR C 13 1.70 -21.99 10.04
CA TYR C 13 1.05 -23.12 10.70
C TYR C 13 1.19 -23.00 12.21
N PRO C 14 0.40 -23.78 12.96
CA PRO C 14 0.44 -23.56 14.42
C PRO C 14 1.75 -23.97 15.13
N ASP C 15 2.65 -24.70 14.48
CA ASP C 15 3.96 -24.98 15.08
C ASP C 15 4.95 -23.86 14.74
N GLY C 16 4.49 -22.84 14.02
CA GLY C 16 5.37 -21.75 13.64
C GLY C 16 6.15 -21.95 12.34
N LYS C 17 6.14 -23.16 11.79
CA LYS C 17 6.69 -23.36 10.45
C LYS C 17 5.92 -22.52 9.40
N ARG C 18 6.62 -22.14 8.34
CA ARG C 18 6.06 -21.26 7.32
C ARG C 18 6.09 -21.93 5.96
N GLU C 19 5.14 -21.55 5.10
CA GLU C 19 5.07 -22.10 3.75
C GLU C 19 4.55 -21.02 2.83
N GLN C 20 5.25 -20.77 1.73
CA GLN C 20 4.76 -19.85 0.72
C GLN C 20 4.23 -20.64 -0.46
N ILE C 21 2.94 -20.50 -0.72
CA ILE C 21 2.36 -21.15 -1.89
C ILE C 21 1.70 -20.16 -2.85
N THR C 22 1.45 -20.63 -4.05
CA THR C 22 0.64 -19.88 -4.98
C THR C 22 -0.58 -20.71 -5.36
N LEU C 23 -1.68 -20.00 -5.58
CA LEU C 23 -2.93 -20.57 -6.06
C LEU C 23 -3.50 -19.63 -7.10
N PRO C 24 -4.15 -20.17 -8.12
CA PRO C 24 -4.85 -19.30 -9.09
C PRO C 24 -5.89 -18.43 -8.39
N GLU C 25 -5.94 -17.13 -8.73
CA GLU C 25 -6.87 -16.19 -8.11
C GLU C 25 -8.31 -16.66 -8.23
N GLN C 26 -8.56 -17.44 -9.28
CA GLN C 26 -9.90 -17.88 -9.65
C GLN C 26 -10.27 -19.18 -8.97
N ALA C 27 -9.32 -19.75 -8.24
CA ALA C 27 -9.58 -20.98 -7.51
C ALA C 27 -10.47 -20.71 -6.30
N LYS C 28 -11.27 -21.71 -5.93
CA LYS C 28 -12.07 -21.63 -4.71
C LYS C 28 -11.24 -21.51 -3.43
N LEU C 29 -11.76 -20.77 -2.46
CA LEU C 29 -11.23 -20.76 -1.10
C LEU C 29 -11.04 -22.19 -0.60
N LEU C 30 -11.94 -23.07 -1.03
CA LEU C 30 -11.86 -24.49 -0.74
C LEU C 30 -10.52 -25.14 -1.11
N ALA C 31 -9.85 -24.60 -2.13
CA ALA C 31 -8.57 -25.17 -2.55
C ALA C 31 -7.53 -24.95 -1.45
N LEU C 32 -7.64 -23.81 -0.77
CA LEU C 32 -6.72 -23.43 0.27
C LEU C 32 -6.94 -24.29 1.50
N VAL C 33 -8.22 -24.46 1.83
CA VAL C 33 -8.61 -25.26 2.96
C VAL C 33 -8.09 -26.68 2.75
N LYS C 34 -8.27 -27.21 1.55
CA LYS C 34 -7.83 -28.57 1.26
C LYS C 34 -6.32 -28.65 1.32
N HIS C 35 -5.64 -27.61 0.85
CA HIS C 35 -4.18 -27.63 0.91
C HIS C 35 -3.68 -27.73 2.35
N VAL C 36 -4.26 -26.91 3.24
CA VAL C 36 -3.90 -26.89 4.65
C VAL C 36 -4.21 -28.27 5.29
N GLN C 37 -5.23 -28.96 4.78
CA GLN C 37 -5.59 -30.27 5.32
C GLN C 37 -4.59 -31.32 4.90
N SER C 38 -4.02 -31.16 3.70
CA SER C 38 -3.06 -32.14 3.22
C SER C 38 -1.76 -31.99 3.98
N LYS C 39 -1.58 -30.83 4.61
CA LYS C 39 -0.40 -30.56 5.43
C LYS C 39 -0.61 -31.02 6.86
N GLY C 40 -1.74 -31.65 7.12
CA GLY C 40 -1.97 -32.20 8.44
C GLY C 40 -2.82 -31.32 9.34
N TYR C 41 -3.43 -30.28 8.77
CA TYR C 41 -4.30 -29.41 9.58
C TYR C 41 -5.73 -29.37 9.03
N PRO C 42 -6.55 -30.37 9.43
CA PRO C 42 -7.85 -30.51 8.78
C PRO C 42 -8.80 -29.43 9.19
N ASN C 43 -9.67 -29.11 8.24
CA ASN C 43 -10.70 -28.08 8.35
C ASN C 43 -11.59 -28.29 9.55
N GLU C 44 -11.75 -29.53 9.94
CA GLU C 44 -12.72 -29.80 10.99
C GLU C 44 -12.13 -29.39 12.32
N ARG C 45 -10.80 -29.23 12.35
CA ARG C 45 -10.17 -28.86 13.61
C ARG C 45 -9.41 -27.53 13.54
N PHE C 46 -9.01 -27.10 12.34
CA PHE C 46 -8.28 -25.82 12.23
C PHE C 46 -9.00 -24.82 11.32
N GLU C 47 -8.76 -23.53 11.58
CA GLU C 47 -9.39 -22.47 10.82
C GLU C 47 -8.33 -21.52 10.28
N LEU C 48 -8.75 -20.58 9.42
CA LEU C 48 -7.84 -19.68 8.73
C LEU C 48 -8.10 -18.23 9.09
N LEU C 49 -7.05 -17.53 9.48
CA LEU C 49 -7.12 -16.13 9.88
C LEU C 49 -6.15 -15.26 9.10
N THR C 50 -6.56 -14.03 8.85
CA THR C 50 -5.66 -12.93 8.46
C THR C 50 -5.70 -11.85 9.51
N ASN C 51 -4.62 -11.07 9.62
CA ASN C 51 -4.60 -9.86 10.46
C ASN C 51 -4.81 -8.56 9.67
N PHE C 52 -5.21 -7.51 10.38
CA PHE C 52 -5.24 -6.13 9.86
C PHE C 52 -6.14 -5.91 8.67
N PRO C 53 -7.45 -6.02 8.87
CA PRO C 53 -8.13 -6.37 10.11
C PRO C 53 -8.17 -7.89 10.32
N ARG C 54 -8.56 -8.35 11.50
CA ARG C 54 -8.64 -9.77 11.76
C ARG C 54 -9.84 -10.32 11.01
N ARG C 55 -9.60 -11.20 10.04
CA ARG C 55 -10.73 -11.82 9.35
C ARG C 55 -10.71 -13.34 9.50
N LYS C 56 -11.84 -13.90 9.88
CA LYS C 56 -11.96 -15.34 10.00
C LYS C 56 -12.49 -15.93 8.67
N LEU C 57 -11.55 -16.38 7.85
CA LEU C 57 -11.84 -16.89 6.53
C LEU C 57 -12.70 -18.15 6.57
N SER C 58 -12.59 -18.94 7.64
CA SER C 58 -13.39 -20.17 7.74
C SER C 58 -14.88 -19.90 8.00
N HIS C 59 -15.26 -18.63 8.12
CA HIS C 59 -16.66 -18.24 8.24
C HIS C 59 -17.28 -17.96 6.87
N LEU C 60 -16.44 -17.94 5.83
CA LEU C 60 -16.89 -17.64 4.47
C LEU C 60 -17.43 -18.87 3.73
N ASP C 61 -18.16 -18.64 2.65
CA ASP C 61 -18.57 -19.72 1.76
C ASP C 61 -17.31 -20.19 1.03
N TYR C 62 -17.03 -21.48 1.07
CA TYR C 62 -15.77 -21.98 0.52
C TYR C 62 -15.83 -22.04 -1.00
N ASP C 63 -17.01 -21.85 -1.57
CA ASP C 63 -17.17 -21.91 -3.02
C ASP C 63 -16.78 -20.57 -3.64
N ILE C 64 -16.39 -19.63 -2.77
CA ILE C 64 -15.92 -18.29 -3.12
C ILE C 64 -14.48 -18.29 -3.69
N THR C 65 -14.21 -17.45 -4.68
CA THR C 65 -12.87 -17.41 -5.28
C THR C 65 -11.87 -16.77 -4.35
N GLN C 67 -10.02 -14.46 -4.94
CA GLN C 67 -10.04 -13.02 -5.12
C GLN C 67 -11.16 -12.41 -4.31
N GLU C 68 -12.34 -13.02 -4.42
CA GLU C 68 -13.48 -12.64 -3.61
C GLU C 68 -13.13 -12.71 -2.12
N ALA C 69 -12.37 -13.73 -1.72
CA ALA C 69 -11.99 -13.88 -0.33
C ALA C 69 -11.03 -12.78 0.15
N GLY C 70 -10.50 -12.00 -0.78
CA GLY C 70 -9.59 -10.92 -0.42
C GLY C 70 -8.14 -11.32 -0.14
N LEU C 71 -7.68 -12.42 -0.73
CA LEU C 71 -6.32 -12.91 -0.49
C LEU C 71 -5.34 -12.56 -1.64
N CYS C 72 -5.83 -11.86 -2.66
CA CYS C 72 -4.99 -11.43 -3.79
C CYS C 72 -4.58 -9.96 -3.68
N PRO C 73 -3.36 -9.62 -4.13
CA PRO C 73 -2.34 -10.50 -4.73
C PRO C 73 -1.52 -11.29 -3.72
N GLN C 74 -1.43 -10.80 -2.49
CA GLN C 74 -0.70 -11.51 -1.45
C GLN C 74 -1.30 -11.29 -0.07
N GLU C 75 -1.24 -12.33 0.74
CA GLU C 75 -1.76 -12.26 2.10
C GLU C 75 -1.06 -13.28 2.97
N THR C 76 -0.86 -12.91 4.21
CA THR C 76 -0.36 -13.80 5.23
C THR C 76 -1.58 -14.45 5.87
N VAL C 77 -1.57 -15.77 5.95
CA VAL C 77 -2.72 -16.50 6.46
C VAL C 77 -2.27 -17.39 7.61
N PHE C 78 -2.95 -17.26 8.75
CA PHE C 78 -2.61 -18.03 9.95
C PHE C 78 -3.50 -19.26 10.11
N VAL C 79 -2.89 -20.41 10.39
CA VAL C 79 -3.64 -21.65 10.64
C VAL C 79 -3.69 -21.92 12.14
N GLN C 80 -4.89 -22.13 12.65
CA GLN C 80 -5.13 -22.03 14.08
C GLN C 80 -6.15 -23.07 14.52
N GLU C 81 -5.94 -23.71 15.66
CA GLU C 81 -6.92 -24.64 16.16
C GLU C 81 -8.21 -23.94 16.59
N ARG C 82 -9.36 -24.51 16.22
CA ARG C 82 -10.64 -23.93 16.61
C ARG C 82 -10.88 -24.02 18.11
N ASN C 83 -11.53 -23.00 18.65
CA ASN C 83 -11.96 -23.01 20.04
C ASN C 83 -13.00 -24.09 20.34
N PRO D 5 17.77 6.52 -33.61
CA PRO D 5 17.03 6.16 -32.40
C PRO D 5 16.69 7.40 -31.57
N LYS D 6 15.45 7.47 -31.12
CA LYS D 6 14.91 8.71 -30.62
C LYS D 6 14.33 8.60 -29.22
N ALA D 7 14.08 9.77 -28.65
CA ALA D 7 13.29 9.85 -27.45
C ALA D 7 12.00 10.54 -27.85
N GLN D 8 10.91 9.82 -27.72
CA GLN D 8 9.60 10.32 -28.11
C GLN D 8 8.89 10.85 -26.87
N LEU D 9 8.70 12.16 -26.82
CA LEU D 9 8.19 12.74 -25.59
C LEU D 9 6.80 13.35 -25.78
N LEU D 11 4.78 16.25 -23.92
CA LEU D 11 4.86 17.30 -22.91
C LEU D 11 3.45 17.70 -22.43
N ARG D 12 3.31 17.85 -21.11
CA ARG D 12 2.06 18.22 -20.48
C ARG D 12 2.24 19.54 -19.74
N TYR D 13 1.76 20.62 -20.35
CA TYR D 13 1.92 21.93 -19.76
C TYR D 13 0.89 22.14 -18.66
N PRO D 14 1.19 23.05 -17.72
CA PRO D 14 0.30 23.27 -16.58
C PRO D 14 -1.09 23.84 -16.94
N ASP D 15 -1.32 24.27 -18.17
CA ASP D 15 -2.67 24.69 -18.57
C ASP D 15 -3.44 23.52 -19.16
N GLY D 16 -2.93 22.32 -18.94
CA GLY D 16 -3.49 21.14 -19.56
C GLY D 16 -3.28 20.95 -21.05
N LYS D 17 -2.49 21.78 -21.73
CA LYS D 17 -2.25 21.48 -23.15
C LYS D 17 -1.12 20.51 -23.37
N ARG D 18 -1.08 19.95 -24.57
CA ARG D 18 -0.19 18.84 -24.89
C ARG D 18 0.64 19.13 -26.14
N GLU D 19 1.83 18.55 -26.19
CA GLU D 19 2.72 18.75 -27.33
C GLU D 19 3.68 17.57 -27.44
N GLN D 20 3.72 16.95 -28.62
CA GLN D 20 4.65 15.86 -28.81
C GLN D 20 5.90 16.34 -29.53
N ILE D 21 7.06 15.99 -29.00
CA ILE D 21 8.30 16.32 -29.66
C ILE D 21 9.18 15.11 -29.65
N THR D 22 10.11 15.08 -30.60
CA THR D 22 11.04 13.97 -30.69
C THR D 22 12.44 14.55 -30.66
N LEU D 23 13.32 13.88 -29.93
CA LEU D 23 14.70 14.30 -29.77
C LEU D 23 15.64 13.12 -29.99
N PRO D 24 16.83 13.40 -30.51
CA PRO D 24 17.79 12.29 -30.62
C PRO D 24 18.17 11.78 -29.22
N GLU D 25 18.32 10.47 -29.09
CA GLU D 25 18.52 9.87 -27.76
C GLU D 25 19.77 10.40 -27.09
N GLN D 26 20.71 10.89 -27.89
CA GLN D 26 21.98 11.41 -27.40
C GLN D 26 21.91 12.92 -27.19
N ALA D 27 20.76 13.52 -27.46
CA ALA D 27 20.60 14.94 -27.19
C ALA D 27 20.50 15.17 -25.67
N LYS D 28 20.90 16.36 -25.23
CA LYS D 28 21.01 16.63 -23.81
C LYS D 28 19.70 17.08 -23.18
N LEU D 29 19.57 16.79 -21.89
CA LEU D 29 18.47 17.30 -21.08
C LEU D 29 18.26 18.80 -21.28
N LEU D 30 19.37 19.55 -21.38
CA LEU D 30 19.33 20.99 -21.63
C LEU D 30 18.48 21.36 -22.84
N ALA D 31 18.51 20.54 -23.88
CA ALA D 31 17.75 20.89 -25.06
C ALA D 31 16.25 20.76 -24.77
N LEU D 32 15.89 19.82 -23.90
CA LEU D 32 14.48 19.70 -23.51
C LEU D 32 14.05 20.91 -22.65
N VAL D 33 14.87 21.24 -21.67
CA VAL D 33 14.67 22.44 -20.85
C VAL D 33 14.50 23.66 -21.73
N LYS D 34 15.38 23.83 -22.71
CA LYS D 34 15.32 25.03 -23.55
C LYS D 34 14.05 25.04 -24.40
N HIS D 35 13.69 23.89 -24.98
CA HIS D 35 12.43 23.85 -25.72
C HIS D 35 11.21 24.26 -24.84
N VAL D 36 11.14 23.78 -23.62
CA VAL D 36 10.02 24.16 -22.75
C VAL D 36 10.06 25.65 -22.43
N GLN D 37 11.26 26.21 -22.28
CA GLN D 37 11.40 27.63 -22.05
C GLN D 37 10.88 28.40 -23.27
N SER D 38 11.24 27.94 -24.46
CA SER D 38 10.69 28.46 -25.75
C SER D 38 9.17 28.57 -25.78
N LYS D 39 8.50 27.68 -25.06
CA LYS D 39 7.04 27.66 -25.08
C LYS D 39 6.43 28.47 -23.94
N GLY D 40 7.24 29.24 -23.24
CA GLY D 40 6.70 30.07 -22.17
C GLY D 40 6.88 29.57 -20.75
N TYR D 41 7.76 28.60 -20.54
CA TYR D 41 7.94 28.04 -19.20
C TYR D 41 9.40 27.99 -18.84
N PRO D 42 9.95 29.14 -18.43
CA PRO D 42 11.38 29.25 -18.14
C PRO D 42 11.78 28.31 -17.02
N ASN D 43 12.98 27.75 -17.15
CA ASN D 43 13.52 26.80 -16.21
C ASN D 43 13.61 27.38 -14.80
N GLU D 44 13.70 28.71 -14.70
CA GLU D 44 13.87 29.30 -13.38
C GLU D 44 12.57 29.29 -12.57
N ARG D 45 11.44 29.00 -13.23
CA ARG D 45 10.15 28.95 -12.56
C ARG D 45 9.52 27.56 -12.61
N PHE D 46 9.84 26.79 -13.65
CA PHE D 46 9.17 25.53 -13.91
C PHE D 46 10.13 24.36 -13.90
N GLU D 47 9.68 23.22 -13.38
CA GLU D 47 10.51 22.03 -13.36
C GLU D 47 9.85 20.94 -14.18
N LEU D 48 10.61 19.88 -14.45
CA LEU D 48 10.12 18.79 -15.30
C LEU D 48 10.05 17.48 -14.53
N LEU D 49 8.94 16.78 -14.72
CA LEU D 49 8.57 15.67 -13.87
C LEU D 49 8.06 14.49 -14.72
N THR D 50 8.44 13.27 -14.35
CA THR D 50 7.82 12.08 -14.93
C THR D 50 7.19 11.26 -13.82
N ASN D 51 6.27 10.38 -14.19
CA ASN D 51 5.72 9.43 -13.24
C ASN D 51 5.97 7.96 -13.60
N PHE D 52 5.75 7.09 -12.62
CA PHE D 52 5.96 5.65 -12.78
C PHE D 52 7.33 5.29 -13.34
N PRO D 53 8.38 5.50 -12.54
CA PRO D 53 8.35 6.03 -11.18
C PRO D 53 8.38 7.56 -11.17
N ARG D 54 8.08 8.20 -10.05
CA ARG D 54 8.11 9.65 -10.00
C ARG D 54 9.54 10.15 -10.03
N ARG D 55 9.89 10.93 -11.06
CA ARG D 55 11.25 11.47 -11.17
C ARG D 55 11.29 13.00 -11.38
N LYS D 56 12.09 13.68 -10.58
CA LYS D 56 12.31 15.11 -10.75
C LYS D 56 13.52 15.33 -11.66
N LEU D 57 13.25 15.43 -12.96
CA LEU D 57 14.29 15.56 -13.96
C LEU D 57 15.13 16.83 -13.77
N SER D 58 14.50 17.90 -13.26
CA SER D 58 15.23 19.17 -13.08
C SER D 58 16.28 19.06 -11.98
N HIS D 59 16.32 17.91 -11.27
CA HIS D 59 17.37 17.65 -10.30
C HIS D 59 18.62 17.05 -10.94
N LEU D 60 18.56 16.72 -12.22
CA LEU D 60 19.68 16.07 -12.90
C LEU D 60 20.67 17.06 -13.53
N ASP D 61 21.90 16.62 -13.73
CA ASP D 61 22.86 17.38 -14.51
C ASP D 61 22.21 17.56 -15.89
N TYR D 62 22.23 18.77 -16.44
CA TYR D 62 21.54 19.02 -17.70
C TYR D 62 22.36 18.57 -18.90
N ASP D 63 23.61 18.22 -18.67
CA ASP D 63 24.40 17.71 -19.78
C ASP D 63 24.09 16.25 -20.08
N ILE D 64 23.31 15.61 -19.21
CA ILE D 64 23.02 14.20 -19.46
C ILE D 64 22.05 14.05 -20.62
N THR D 65 22.15 12.91 -21.27
CA THR D 65 21.40 12.65 -22.49
C THR D 65 20.02 12.12 -22.16
N GLN D 67 18.84 9.29 -23.23
CA GLN D 67 18.99 7.87 -22.91
C GLN D 67 19.43 7.69 -21.46
N GLU D 68 20.45 8.40 -20.98
CA GLU D 68 20.86 8.15 -19.62
C GLU D 68 19.92 8.81 -18.62
N ALA D 69 19.03 9.67 -19.11
CA ALA D 69 17.97 10.23 -18.27
C ALA D 69 16.78 9.27 -18.19
N GLY D 70 16.85 8.16 -18.91
CA GLY D 70 15.78 7.18 -18.90
C GLY D 70 14.48 7.59 -19.60
N LEU D 71 14.57 8.51 -20.55
CA LEU D 71 13.38 8.98 -21.25
C LEU D 71 13.16 8.30 -22.61
N CYS D 72 13.96 7.27 -22.89
CA CYS D 72 13.88 6.53 -24.15
C CYS D 72 13.23 5.16 -23.94
N PRO D 73 12.37 4.74 -24.88
CA PRO D 73 12.04 5.46 -26.12
C PRO D 73 10.87 6.41 -26.02
N GLN D 74 10.08 6.33 -24.95
CA GLN D 74 8.86 7.13 -24.83
C GLN D 74 8.63 7.60 -23.41
N GLU D 75 8.47 8.90 -23.22
CA GLU D 75 8.04 9.34 -21.91
C GLU D 75 7.07 10.51 -21.98
N THR D 76 6.20 10.54 -20.97
CA THR D 76 5.34 11.68 -20.72
C THR D 76 6.01 12.55 -19.65
N VAL D 77 6.16 13.84 -19.98
CA VAL D 77 6.87 14.78 -19.12
C VAL D 77 5.99 15.94 -18.72
N PHE D 78 5.70 16.03 -17.42
CA PHE D 78 4.91 17.09 -16.84
C PHE D 78 5.73 18.36 -16.55
N VAL D 79 5.23 19.48 -17.06
CA VAL D 79 5.81 20.80 -16.79
C VAL D 79 5.01 21.45 -15.67
N GLN D 80 5.67 21.80 -14.57
CA GLN D 80 4.93 22.41 -13.47
C GLN D 80 5.80 23.39 -12.70
N GLU D 81 5.12 24.33 -12.07
CA GLU D 81 5.76 25.41 -11.36
C GLU D 81 6.52 24.90 -10.14
N ARG D 82 7.72 25.43 -9.94
CA ARG D 82 8.52 25.04 -8.77
C ARG D 82 7.89 25.51 -7.47
N ASN D 83 8.02 24.70 -6.42
CA ASN D 83 7.62 25.10 -5.08
C ASN D 83 8.67 25.96 -4.37
#